data_5ZAE
#
_entry.id   5ZAE
#
_cell.length_a   120.330
_cell.length_b   120.330
_cell.length_c   42.590
_cell.angle_alpha   90.00
_cell.angle_beta   90.00
_cell.angle_gamma   120.00
#
_symmetry.space_group_name_H-M   'H 3'
#
loop_
_entity.id
_entity.type
_entity.pdbx_description
1 polymer 'Urokinase-type plasminogen activator chain B'
2 non-polymer 3-azanyl-5-(azepan-1-yl)-N-carbamimidoyl-6-(furan-2-yl)pyrazine-2-carboxamide
3 non-polymer 'SULFATE ION'
4 water water
#
_entity_poly.entity_id   1
_entity_poly.type   'polypeptide(L)'
_entity_poly.pdbx_seq_one_letter_code
;IIGGEFTTIENQPWFAAIYRRHRGGSVTYVCGGSLISPCWVISATHCFIDYPKKEDYIVYLGRSRLNSNTQGEMKFEVEN
LILHKDYSADTLAHHNDIALLKIRSKEGRCAQPSRTIQTIALPSMYNDPQFGTSCEITGFGKEQSTDYLYPEQLKMTVVK
LISHRECQQPHYYGSEVTTKMLCAADPQWKTDSCQGDSGGPLVCSLQGRMTLTGIVSWGRGCALKDKPGVYTRVSHFLPW
IRSHTKEENGLAL
;
_entity_poly.pdbx_strand_id   U
#
loop_
_chem_comp.id
_chem_comp.type
_chem_comp.name
_chem_comp.formula
EAU non-polymer 3-azanyl-5-(azepan-1-yl)-N-carbamimidoyl-6-(furan-2-yl)pyrazine-2-carboxamide 'C16 H21 N7 O2'
SO4 non-polymer 'SULFATE ION' 'O4 S -2'
#
# COMPACT_ATOMS: atom_id res chain seq x y z
N ILE A 1 2.93 10.22 3.41
CA ILE A 1 2.09 11.08 2.56
C ILE A 1 2.54 12.55 2.66
N ILE A 2 2.94 13.09 1.51
CA ILE A 2 3.34 14.47 1.36
C ILE A 2 2.06 15.25 1.11
N GLY A 3 1.82 16.29 1.91
CA GLY A 3 0.58 17.05 1.87
C GLY A 3 -0.61 16.21 2.31
N GLY A 4 -1.76 16.45 1.71
CA GLY A 4 -2.95 15.74 2.09
C GLY A 4 -3.41 16.18 3.46
N GLU A 5 -4.06 15.29 4.16
CA GLU A 5 -4.69 15.64 5.42
C GLU A 5 -4.49 14.48 6.39
N PHE A 6 -4.56 14.79 7.67
CA PHE A 6 -4.68 13.74 8.63
C PHE A 6 -6.04 13.08 8.56
N THR A 7 -6.08 11.82 8.95
CA THR A 7 -7.32 11.07 8.95
C THR A 7 -7.29 10.07 10.09
N THR A 8 -8.36 9.31 10.19
CA THR A 8 -8.44 8.18 11.10
C THR A 8 -8.84 6.95 10.30
N ILE A 9 -8.73 5.80 10.94
CA ILE A 9 -8.95 4.51 10.29
C ILE A 9 -10.40 4.29 9.79
N GLU A 10 -11.37 5.01 10.36
CA GLU A 10 -12.73 4.93 9.85
C GLU A 10 -12.85 5.34 8.38
N ASN A 11 -11.96 6.22 7.90
CA ASN A 11 -11.94 6.63 6.48
C ASN A 11 -11.15 5.74 5.50
N GLN A 12 -10.53 4.70 6.03
CA GLN A 12 -9.79 3.73 5.25
C GLN A 12 -9.70 2.47 6.08
N PRO A 13 -10.86 1.88 6.41
CA PRO A 13 -10.87 0.81 7.41
C PRO A 13 -10.26 -0.55 6.99
N TRP A 14 -9.87 -0.66 5.72
CA TRP A 14 -9.10 -1.80 5.20
C TRP A 14 -7.60 -1.62 5.38
N PHE A 15 -7.19 -0.42 5.79
CA PHE A 15 -5.77 -0.15 5.96
C PHE A 15 -5.13 -1.00 7.07
N ALA A 16 -4.09 -1.74 6.69
CA ALA A 16 -3.28 -2.49 7.65
C ALA A 16 -1.94 -1.86 7.86
N ALA A 17 -1.57 -1.77 9.12
CA ALA A 17 -0.26 -1.28 9.55
C ALA A 17 0.65 -2.48 9.86
N ILE A 18 1.77 -2.60 9.14
CA ILE A 18 2.70 -3.73 9.30
C ILE A 18 4.02 -3.32 9.95
N TYR A 19 4.40 -4.04 10.98
CA TYR A 19 5.57 -3.79 11.79
C TYR A 19 6.45 -5.02 11.88
N ARG A 20 7.70 -4.77 12.16
CA ARG A 20 8.68 -5.82 12.32
C ARG A 20 9.32 -5.89 13.68
N ARG A 21 9.39 -7.07 14.26
CA ARG A 21 10.23 -7.27 15.41
C ARG A 21 11.68 -7.49 15.12
N HIS A 22 12.48 -6.87 15.97
CA HIS A 22 13.91 -7.06 16.05
C HIS A 22 14.39 -8.06 17.13
N ARG A 23 15.60 -8.62 16.96
CA ARG A 23 16.25 -9.53 17.91
C ARG A 23 16.33 -8.76 19.19
N GLY A 24 16.45 -7.45 19.11
CA GLY A 24 16.40 -6.62 20.31
C GLY A 24 15.06 -6.85 20.96
N GLY A 25 14.05 -7.03 20.11
CA GLY A 25 12.64 -6.94 20.45
C GLY A 25 12.03 -5.56 20.36
N SER A 26 12.82 -4.61 19.86
CA SER A 26 12.27 -3.32 19.45
C SER A 26 11.34 -3.68 18.30
N VAL A 27 10.23 -2.97 18.17
CA VAL A 27 9.25 -3.20 17.16
C VAL A 27 9.04 -1.90 16.39
N THR A 28 9.23 -1.94 15.07
CA THR A 28 9.22 -0.75 14.20
C THR A 28 8.37 -0.85 12.94
N TYR A 29 7.95 0.30 12.42
CA TYR A 29 7.00 0.29 11.30
C TYR A 29 7.70 -0.09 10.00
N VAL A 30 7.03 -0.90 9.19
CA VAL A 30 7.59 -1.35 7.93
C VAL A 30 6.88 -0.71 6.73
N CYS A 31 5.59 -1.01 6.60
CA CYS A 31 4.82 -0.69 5.40
C CYS A 31 3.32 -0.75 5.69
N GLY A 32 2.53 -0.14 4.83
CA GLY A 32 1.08 -0.37 4.84
C GLY A 32 0.69 -1.66 4.13
N GLY A 33 -0.60 -1.96 4.23
CA GLY A 33 -1.24 -3.03 3.46
C GLY A 33 -2.73 -2.77 3.34
N SER A 34 -3.45 -3.64 2.62
CA SER A 34 -4.91 -3.57 2.53
C SER A 34 -5.58 -4.90 2.81
N LEU A 35 -6.59 -4.88 3.70
CA LEU A 35 -7.37 -6.08 3.99
C LEU A 35 -8.30 -6.40 2.83
N ILE A 36 -8.09 -7.55 2.18
CA ILE A 36 -8.91 -7.93 1.03
C ILE A 36 -9.90 -9.05 1.40
N SER A 37 -9.68 -9.69 2.53
CA SER A 37 -10.62 -10.68 3.09
C SER A 37 -10.23 -10.81 4.55
N PRO A 38 -11.08 -11.46 5.38
CA PRO A 38 -10.74 -11.45 6.80
C PRO A 38 -9.35 -11.97 7.14
N CYS A 39 -8.84 -12.94 6.39
CA CYS A 39 -7.56 -13.55 6.74
C CYS A 39 -6.38 -13.04 5.91
N TRP A 40 -6.64 -12.18 4.92
CA TRP A 40 -5.61 -11.78 3.96
C TRP A 40 -5.41 -10.28 3.82
N VAL A 41 -4.16 -9.87 4.03
CA VAL A 41 -3.69 -8.51 3.73
C VAL A 41 -2.79 -8.51 2.48
N ILE A 42 -3.04 -7.58 1.55
CA ILE A 42 -2.19 -7.42 0.38
C ILE A 42 -1.23 -6.23 0.58
N SER A 43 0.00 -6.38 0.13
CA SER A 43 0.99 -5.33 0.32
C SER A 43 2.04 -5.41 -0.80
N ALA A 44 3.23 -4.86 -0.56
CA ALA A 44 4.31 -4.87 -1.54
C ALA A 44 5.47 -5.80 -1.14
N THR A 45 5.96 -6.60 -2.08
CA THR A 45 7.09 -7.50 -1.80
C THR A 45 8.35 -6.75 -1.33
N HIS A 46 8.66 -5.57 -1.87
CA HIS A 46 9.93 -4.93 -1.51
C HIS A 46 10.04 -4.63 -0.01
N CYS A 47 8.88 -4.48 0.65
CA CYS A 47 8.83 -4.24 2.09
C CYS A 47 9.42 -5.36 2.93
N PHE A 48 9.41 -6.57 2.39
CA PHE A 48 9.69 -7.78 3.13
C PHE A 48 10.87 -8.60 2.61
N ILE A 49 11.33 -8.32 1.43
CA ILE A 49 12.33 -9.15 0.78
C ILE A 49 13.69 -9.25 1.56
N ASP A 50 14.13 -8.18 2.19
CA ASP A 50 15.38 -8.21 2.93
C ASP A 50 15.25 -8.98 4.26
N TYR A 51 14.00 -9.11 4.72
CA TYR A 51 13.70 -9.75 5.98
C TYR A 51 12.51 -10.68 5.85
N PRO A 52 12.76 -11.85 5.11
CA PRO A 52 11.56 -12.54 4.72
C PRO A 52 10.98 -13.58 5.63
N LYS A 53 11.40 -13.64 6.87
CA LYS A 53 10.79 -14.54 7.80
C LYS A 53 9.47 -14.00 8.36
N LYS A 54 8.43 -14.75 8.17
CA LYS A 54 7.11 -14.35 8.60
C LYS A 54 7.03 -14.14 10.07
N GLU A 55 7.80 -14.87 10.88
CA GLU A 55 7.67 -14.76 12.34
C GLU A 55 8.09 -13.39 12.82
N ASP A 56 8.71 -12.66 11.95
CA ASP A 56 9.29 -11.38 12.27
C ASP A 56 8.29 -10.21 12.25
N TYR A 57 7.08 -10.45 11.77
CA TYR A 57 6.13 -9.38 11.47
C TYR A 57 4.88 -9.38 12.34
N ILE A 58 4.39 -8.17 12.62
CA ILE A 58 3.15 -7.98 13.32
C ILE A 58 2.23 -7.13 12.44
N VAL A 59 0.96 -7.50 12.35
CA VAL A 59 -0.01 -6.74 11.56
C VAL A 59 -1.14 -6.17 12.42
N TYR A 60 -1.33 -4.86 12.35
CA TYR A 60 -2.50 -4.25 12.99
C TYR A 60 -3.53 -3.83 11.97
N LEU A 61 -4.81 -4.09 12.32
CA LEU A 61 -5.96 -3.50 11.67
C LEU A 61 -6.70 -2.58 12.65
N GLY A 62 -7.50 -1.65 12.15
CA GLY A 62 -8.23 -0.70 13.01
C GLY A 62 -7.34 0.29 13.73
N ARG A 63 -6.15 0.53 13.20
CA ARG A 63 -5.15 1.38 13.86
C ARG A 63 -4.99 2.71 13.14
N SER A 64 -5.17 3.82 13.87
CA SER A 64 -5.03 5.19 13.34
C SER A 64 -3.75 5.90 13.75
N ARG A 65 -3.03 5.33 14.71
CA ARG A 65 -1.78 5.91 15.19
C ARG A 65 -0.64 4.90 15.20
N LEU A 66 0.56 5.41 14.97
CA LEU A 66 1.71 4.62 14.63
C LEU A 66 2.31 3.96 15.85
N ASN A 67 2.46 4.73 16.92
CA ASN A 67 3.13 4.26 18.14
C ASN A 67 2.25 4.31 19.37
N SER A 68 0.94 4.28 19.18
CA SER A 68 0.02 4.14 20.30
C SER A 68 -1.19 3.35 19.84
N ASN A 69 -1.87 2.72 20.79
CA ASN A 69 -2.97 1.82 20.46
C ASN A 69 -4.24 2.60 20.18
N THR A 70 -4.97 2.17 19.15
CA THR A 70 -6.25 2.75 18.80
C THR A 70 -7.33 1.86 19.38
N GLN A 71 -8.30 2.48 20.04
CA GLN A 71 -9.45 1.75 20.54
C GLN A 71 -10.09 0.93 19.41
N GLY A 72 -10.22 -0.37 19.62
CA GLY A 72 -10.87 -1.25 18.66
C GLY A 72 -9.91 -2.04 17.79
N GLU A 73 -8.62 -1.73 17.85
CA GLU A 73 -7.67 -2.33 16.93
C GLU A 73 -7.53 -3.85 17.14
N MET A 74 -7.04 -4.55 16.13
CA MET A 74 -6.70 -5.96 16.28
C MET A 74 -5.24 -6.18 15.86
N LYS A 75 -4.54 -7.00 16.65
CA LYS A 75 -3.14 -7.34 16.41
C LYS A 75 -3.01 -8.78 15.91
N PHE A 76 -2.23 -9.02 14.84
CA PHE A 76 -2.09 -10.38 14.28
C PHE A 76 -0.66 -10.82 14.02
N GLU A 77 -0.44 -12.12 14.14
CA GLU A 77 0.79 -12.71 13.66
C GLU A 77 0.61 -13.02 12.18
N VAL A 78 1.72 -13.28 11.50
CA VAL A 78 1.71 -13.61 10.09
C VAL A 78 1.86 -15.12 9.89
N GLU A 79 0.75 -15.77 9.57
CA GLU A 79 0.69 -17.21 9.32
C GLU A 79 1.41 -17.59 8.01
N ASN A 80 1.28 -16.74 6.99
CA ASN A 80 1.94 -16.97 5.70
C ASN A 80 2.37 -15.66 5.07
N LEU A 81 3.63 -15.60 4.65
CA LEU A 81 4.16 -14.45 3.94
C LEU A 81 4.49 -14.89 2.52
N ILE A 82 3.69 -14.42 1.57
CA ILE A 82 3.78 -14.82 0.18
C ILE A 82 4.32 -13.67 -0.66
N LEU A 83 5.51 -13.83 -1.20
CA LEU A 83 6.17 -12.79 -1.95
C LEU A 83 6.12 -13.24 -3.36
N HIS A 84 6.06 -12.31 -4.31
CA HIS A 84 5.86 -12.69 -5.73
C HIS A 84 7.19 -13.18 -6.32
N LYS A 85 7.17 -14.41 -6.82
CA LYS A 85 8.36 -15.08 -7.38
C LYS A 85 9.09 -14.35 -8.51
N ASP A 86 8.36 -13.54 -9.27
CA ASP A 86 8.93 -12.71 -10.34
C ASP A 86 9.33 -11.30 -9.96
N TYR A 87 9.34 -11.02 -8.69
CA TYR A 87 9.76 -9.75 -8.22
C TYR A 87 11.16 -9.41 -8.70
N SER A 88 11.37 -8.15 -8.99
CA SER A 88 12.72 -7.63 -9.17
C SER A 88 12.91 -6.18 -8.98
N ALA A 89 14.16 -5.88 -8.64
CA ALA A 89 14.60 -4.54 -8.34
C ALA A 89 15.69 -4.01 -9.31
N ASP A 90 15.35 -2.91 -9.96
CA ASP A 90 16.13 -2.12 -10.92
C ASP A 90 16.87 -1.21 -10.01
N THR A 91 17.34 -0.14 -10.58
CA THR A 91 17.84 0.99 -9.86
C THR A 91 16.71 1.66 -9.00
N LEU A 92 15.51 1.68 -9.57
CA LEU A 92 14.38 2.40 -9.04
C LEU A 92 13.11 1.56 -9.03
N ALA A 93 12.74 1.06 -10.17
CA ALA A 93 11.52 0.31 -10.31
C ALA A 93 11.60 -0.99 -9.55
N HIS A 94 10.47 -1.42 -9.05
CA HIS A 94 10.33 -2.73 -8.51
C HIS A 94 9.32 -3.33 -9.46
N HIS A 95 9.55 -4.54 -9.95
CA HIS A 95 8.64 -5.28 -10.77
C HIS A 95 7.93 -6.33 -9.96
N ASN A 96 6.65 -6.47 -10.25
CA ASN A 96 5.82 -7.45 -9.53
C ASN A 96 5.86 -7.22 -8.04
N ASP A 97 5.71 -5.95 -7.67
CA ASP A 97 5.89 -5.56 -6.29
C ASP A 97 4.56 -5.74 -5.56
N ILE A 98 4.27 -6.99 -5.24
CA ILE A 98 3.01 -7.37 -4.65
C ILE A 98 3.26 -8.53 -3.69
N ALA A 99 2.58 -8.51 -2.56
CA ALA A 99 2.80 -9.51 -1.53
C ALA A 99 1.51 -9.82 -0.79
N LEU A 100 1.39 -11.02 -0.26
CA LEU A 100 0.21 -11.41 0.51
C LEU A 100 0.63 -11.88 1.88
N LEU A 101 -0.05 -11.38 2.92
CA LEU A 101 0.15 -11.84 4.27
C LEU A 101 -1.14 -12.49 4.78
N LYS A 102 -1.06 -13.75 5.22
CA LYS A 102 -2.18 -14.41 5.87
C LYS A 102 -2.06 -14.11 7.35
N ILE A 103 -3.14 -13.55 7.89
CA ILE A 103 -3.12 -13.09 9.24
C ILE A 103 -3.88 -13.99 10.18
N ARG A 104 -3.36 -14.23 11.38
CA ARG A 104 -4.07 -14.98 12.41
C ARG A 104 -3.72 -14.43 13.78
N SER A 105 -4.71 -14.24 14.66
CA SER A 105 -4.47 -13.80 16.06
C SER A 105 -3.73 -14.81 16.92
N LYS A 106 -3.22 -14.44 18.11
CA LYS A 106 -2.58 -15.42 19.06
C LYS A 106 -3.57 -16.52 19.40
N GLU A 107 -4.82 -16.15 19.27
CA GLU A 107 -5.99 -16.93 19.44
C GLU A 107 -6.55 -17.64 18.19
N GLY A 108 -5.89 -17.56 17.04
CA GLY A 108 -6.34 -18.32 15.88
C GLY A 108 -7.41 -17.78 14.98
N ARG A 109 -7.73 -16.51 15.17
CA ARG A 109 -8.83 -15.88 14.48
C ARG A 109 -8.31 -14.92 13.43
N CYS A 110 -9.03 -14.73 12.34
CA CYS A 110 -8.67 -13.73 11.36
C CYS A 110 -9.32 -12.40 11.84
N ALA A 111 -9.61 -11.46 10.96
CA ALA A 111 -10.20 -10.18 11.35
C ALA A 111 -11.69 -10.32 11.47
N GLN A 112 -12.28 -9.59 12.38
CA GLN A 112 -13.72 -9.45 12.50
C GLN A 112 -14.08 -8.03 12.09
N PRO A 113 -14.88 -7.88 11.03
CA PRO A 113 -15.25 -6.53 10.61
C PRO A 113 -15.91 -5.71 11.72
N SER A 114 -15.75 -4.40 11.63
CA SER A 114 -16.31 -3.50 12.63
C SER A 114 -16.33 -2.12 12.02
N ARG A 115 -16.66 -1.12 12.82
CA ARG A 115 -16.65 0.25 12.33
C ARG A 115 -15.25 0.70 11.88
N THR A 116 -14.19 0.09 12.39
CA THR A 116 -12.82 0.51 12.09
C THR A 116 -12.04 -0.51 11.26
N ILE A 117 -12.74 -1.58 10.83
CA ILE A 117 -12.10 -2.70 10.13
C ILE A 117 -13.06 -3.29 9.10
N GLN A 118 -12.73 -3.15 7.82
CA GLN A 118 -13.55 -3.61 6.71
C GLN A 118 -12.61 -4.03 5.61
N THR A 119 -13.08 -4.88 4.71
CA THR A 119 -12.29 -5.26 3.54
C THR A 119 -12.53 -4.25 2.42
N ILE A 120 -11.64 -4.26 1.45
CA ILE A 120 -11.73 -3.42 0.26
C ILE A 120 -11.86 -4.38 -0.92
N ALA A 121 -12.77 -4.06 -1.83
CA ALA A 121 -13.01 -4.92 -2.96
C ALA A 121 -11.85 -4.82 -3.97
N LEU A 122 -11.56 -5.95 -4.62
CA LEU A 122 -10.62 -5.95 -5.73
C LEU A 122 -11.31 -5.45 -7.00
N PRO A 123 -10.54 -4.90 -7.94
CA PRO A 123 -11.07 -4.50 -9.23
C PRO A 123 -11.40 -5.72 -10.06
N SER A 124 -12.17 -5.51 -11.13
CA SER A 124 -12.34 -6.54 -12.15
C SER A 124 -11.10 -6.53 -13.01
N MET A 125 -10.87 -7.63 -13.69
CA MET A 125 -9.65 -7.77 -14.38
C MET A 125 -9.49 -6.75 -15.45
N TYR A 126 -8.29 -6.23 -15.51
CA TYR A 126 -7.90 -5.39 -16.56
C TYR A 126 -8.89 -4.23 -16.66
N ASN A 127 -9.43 -3.81 -15.53
CA ASN A 127 -10.46 -2.77 -15.45
C ASN A 127 -10.10 -1.60 -14.56
N ASP A 128 -9.42 -0.64 -15.12
CA ASP A 128 -8.94 0.49 -14.35
C ASP A 128 -9.71 1.75 -14.71
N PRO A 129 -9.66 2.76 -13.82
CA PRO A 129 -10.26 4.05 -14.15
C PRO A 129 -9.52 4.78 -15.27
N GLN A 130 -10.21 5.70 -15.87
CA GLN A 130 -9.71 6.50 -16.91
C GLN A 130 -8.63 7.43 -16.38
N PHE A 131 -7.67 7.76 -17.20
CA PHE A 131 -6.61 8.66 -16.82
C PHE A 131 -7.18 10.01 -16.43
N GLY A 132 -6.63 10.62 -15.39
CA GLY A 132 -7.15 11.86 -14.89
C GLY A 132 -8.16 11.63 -13.80
N THR A 133 -8.50 10.39 -13.54
CA THR A 133 -9.40 10.07 -12.44
C THR A 133 -8.70 10.34 -11.11
N SER A 134 -9.46 10.84 -10.15
CA SER A 134 -8.96 11.15 -8.81
C SER A 134 -9.17 9.94 -7.92
N CYS A 135 -8.08 9.53 -7.28
CA CYS A 135 -8.08 8.41 -6.35
C CYS A 135 -7.40 8.85 -5.07
N GLU A 136 -7.46 8.02 -4.05
CA GLU A 136 -6.90 8.39 -2.77
C GLU A 136 -5.83 7.40 -2.36
N ILE A 137 -4.82 7.92 -1.67
CA ILE A 137 -3.78 7.09 -1.04
C ILE A 137 -3.74 7.32 0.47
N THR A 138 -3.29 6.30 1.21
CA THR A 138 -3.32 6.33 2.68
C THR A 138 -2.03 5.72 3.21
N GLY A 139 -1.49 6.30 4.28
CA GLY A 139 -0.27 5.77 4.87
C GLY A 139 0.27 6.54 6.07
N PHE A 140 1.22 5.92 6.74
CA PHE A 140 2.01 6.50 7.81
C PHE A 140 3.40 6.92 7.32
N GLY A 141 3.57 7.04 6.01
CA GLY A 141 4.87 7.41 5.45
C GLY A 141 5.22 8.86 5.73
N LYS A 142 6.43 9.23 5.33
CA LYS A 142 6.98 10.56 5.59
C LYS A 142 6.12 11.68 5.03
N GLU A 143 6.08 12.82 5.75
CA GLU A 143 5.38 14.03 5.33
C GLU A 143 6.27 14.94 4.50
N GLN A 144 7.56 14.74 4.64
CA GLN A 144 8.55 15.38 3.79
C GLN A 144 9.65 14.38 3.51
N SER A 145 10.25 14.48 2.35
CA SER A 145 11.22 13.51 1.90
C SER A 145 12.40 13.44 2.87
N THR A 146 12.75 14.58 3.38
CA THR A 146 13.87 14.78 4.31
C THR A 146 13.58 14.60 5.80
N ASP A 147 12.34 14.27 6.16
CA ASP A 147 11.97 13.98 7.56
C ASP A 147 12.68 12.76 8.07
N TYR A 148 13.08 12.75 9.33
CA TYR A 148 13.64 11.54 9.92
C TYR A 148 12.55 10.67 10.47
N LEU A 149 11.59 11.29 11.09
CA LEU A 149 10.42 10.60 11.66
C LEU A 149 9.27 10.36 10.68
N TYR A 150 8.48 9.32 10.96
CA TYR A 150 7.18 9.13 10.36
C TYR A 150 6.17 9.88 11.21
N PRO A 151 5.06 10.34 10.61
CA PRO A 151 3.97 10.95 11.35
C PRO A 151 3.34 9.94 12.31
N GLU A 152 2.82 10.44 13.43
CA GLU A 152 2.15 9.59 14.39
C GLU A 152 0.70 9.27 13.99
N GLN A 153 0.07 10.21 13.29
CA GLN A 153 -1.32 10.06 12.84
C GLN A 153 -1.39 9.63 11.37
N LEU A 154 -2.26 8.67 11.08
CA LEU A 154 -2.49 8.22 9.71
C LEU A 154 -2.83 9.41 8.83
N LYS A 155 -2.38 9.38 7.56
CA LYS A 155 -2.70 10.45 6.61
C LYS A 155 -3.30 9.89 5.32
N MET A 156 -3.97 10.75 4.58
CA MET A 156 -4.45 10.44 3.25
C MET A 156 -4.45 11.67 2.35
N THR A 157 -4.36 11.42 1.05
CA THR A 157 -4.45 12.47 0.06
C THR A 157 -5.06 11.95 -1.23
N VAL A 158 -5.19 12.85 -2.20
CA VAL A 158 -5.79 12.56 -3.49
C VAL A 158 -4.73 12.76 -4.54
N VAL A 159 -4.61 11.80 -5.45
CA VAL A 159 -3.76 11.93 -6.62
C VAL A 159 -4.57 11.54 -7.86
N LYS A 160 -4.13 11.99 -9.03
CA LYS A 160 -4.84 11.67 -10.29
C LYS A 160 -4.04 10.67 -11.13
N LEU A 161 -4.77 9.68 -11.65
CA LEU A 161 -4.21 8.66 -12.54
C LEU A 161 -3.60 9.29 -13.78
N ILE A 162 -2.36 8.89 -14.07
CA ILE A 162 -1.63 9.36 -15.24
C ILE A 162 -1.61 8.24 -16.27
N SER A 163 -1.74 8.60 -17.55
CA SER A 163 -1.72 7.60 -18.63
C SER A 163 -0.34 6.98 -18.73
N HIS A 164 -0.29 5.74 -19.23
CA HIS A 164 0.99 5.08 -19.47
C HIS A 164 1.85 5.85 -20.45
N ARG A 165 1.22 6.31 -21.53
CA ARG A 165 1.87 7.20 -22.51
C ARG A 165 2.64 8.32 -21.82
N GLU A 166 1.96 9.09 -20.97
CA GLU A 166 2.60 10.22 -20.30
C GLU A 166 3.68 9.74 -19.31
N CYS A 167 3.36 8.70 -18.53
CA CYS A 167 4.30 8.27 -17.51
C CYS A 167 5.57 7.66 -18.11
N GLN A 168 5.49 7.11 -19.32
CA GLN A 168 6.62 6.52 -20.06
C GLN A 168 7.54 7.50 -20.78
N GLN A 169 7.13 8.74 -20.84
CA GLN A 169 8.01 9.81 -21.38
C GLN A 169 9.30 9.82 -20.62
N PRO A 170 10.45 10.13 -21.40
CA PRO A 170 11.71 10.09 -20.64
C PRO A 170 11.89 11.13 -19.55
N HIS A 171 11.19 12.28 -19.56
CA HIS A 171 11.35 13.21 -18.44
C HIS A 171 10.44 12.80 -17.31
N TYR A 172 9.66 11.75 -17.52
CA TYR A 172 8.97 11.12 -16.43
C TYR A 172 9.81 9.87 -16.09
N TYR A 173 9.29 8.67 -16.34
CA TYR A 173 10.08 7.48 -15.99
C TYR A 173 10.60 6.60 -17.12
N GLY A 174 10.40 6.98 -18.37
CA GLY A 174 10.92 6.19 -19.47
C GLY A 174 10.39 4.75 -19.45
N SER A 175 11.26 3.80 -19.67
CA SER A 175 11.03 2.35 -19.63
C SER A 175 10.70 1.75 -18.29
N GLU A 176 11.01 2.45 -17.22
CA GLU A 176 10.94 1.93 -15.88
C GLU A 176 9.52 1.54 -15.61
N VAL A 177 8.60 2.29 -16.16
CA VAL A 177 7.18 2.02 -15.99
C VAL A 177 6.65 1.01 -17.02
N THR A 178 6.00 -0.04 -16.52
CA THR A 178 5.46 -1.12 -17.36
C THR A 178 3.95 -1.12 -17.29
N THR A 179 3.31 -1.96 -18.11
CA THR A 179 1.85 -2.04 -18.13
C THR A 179 1.26 -2.63 -16.84
N LYS A 180 2.12 -3.23 -16.00
CA LYS A 180 1.71 -3.81 -14.75
C LYS A 180 1.81 -2.79 -13.59
N MET A 181 2.16 -1.55 -13.93
CA MET A 181 2.24 -0.44 -12.98
C MET A 181 1.24 0.66 -13.35
N LEU A 182 0.77 1.39 -12.36
CA LEU A 182 -0.02 2.61 -12.61
C LEU A 182 0.74 3.80 -12.04
N CYS A 183 0.66 4.93 -12.73
CA CYS A 183 1.23 6.18 -12.25
C CYS A 183 0.14 7.09 -11.76
N ALA A 184 0.46 7.87 -10.73
CA ALA A 184 -0.54 8.81 -10.18
C ALA A 184 0.18 9.98 -9.53
N ALA A 185 -0.44 11.12 -9.67
CA ALA A 185 0.25 12.33 -9.26
C ALA A 185 -0.66 13.52 -9.10
N ASP A 186 -0.16 14.49 -8.39
CA ASP A 186 -0.80 15.79 -8.32
C ASP A 186 -0.47 16.72 -9.46
N PRO A 187 -1.58 17.41 -10.01
CA PRO A 187 -1.23 18.30 -11.09
C PRO A 187 -0.19 19.34 -10.66
N GLN A 188 -0.16 19.80 -9.41
CA GLN A 188 0.92 20.70 -8.96
C GLN A 188 2.08 20.01 -8.29
N TRP A 189 2.04 18.68 -8.22
CA TRP A 189 3.10 17.86 -7.65
C TRP A 189 3.27 18.17 -6.21
N LYS A 190 2.24 18.69 -5.62
CA LYS A 190 2.28 19.19 -4.28
C LYS A 190 1.94 18.13 -3.18
N THR A 191 1.44 16.95 -3.56
CA THR A 191 1.02 15.90 -2.62
C THR A 191 1.36 14.55 -3.29
N ASP A 192 1.63 13.51 -2.50
CA ASP A 192 2.19 12.29 -3.04
C ASP A 192 2.39 11.27 -1.94
N SER A 193 2.61 10.03 -2.34
CA SER A 193 3.13 9.03 -1.44
C SER A 193 4.63 9.17 -1.25
N CYS A 194 5.15 8.50 -0.23
CA CYS A 194 6.58 8.57 0.09
C CYS A 194 7.05 7.34 0.86
N GLN A 195 8.34 7.30 1.18
CA GLN A 195 8.89 6.24 2.04
C GLN A 195 8.04 6.02 3.28
N GLY A 196 7.69 4.75 3.51
CA GLY A 196 6.80 4.36 4.60
C GLY A 196 5.37 4.13 4.16
N ASP A 197 4.99 4.74 3.05
CA ASP A 197 3.68 4.47 2.43
C ASP A 197 3.64 3.22 1.57
N SER A 198 4.78 2.66 1.19
CA SER A 198 4.82 1.45 0.36
C SER A 198 3.89 0.35 0.92
N GLY A 199 3.31 -0.44 0.03
CA GLY A 199 2.37 -1.49 0.41
C GLY A 199 0.94 -1.03 0.61
N GLY A 200 0.75 0.27 0.82
CA GLY A 200 -0.60 0.80 1.13
C GLY A 200 -1.49 0.96 -0.10
N PRO A 201 -2.77 1.32 0.12
CA PRO A 201 -3.79 1.37 -0.91
C PRO A 201 -3.82 2.63 -1.76
N LEU A 202 -3.95 2.43 -3.04
CA LEU A 202 -4.46 3.43 -3.96
C LEU A 202 -5.89 3.02 -4.30
N VAL A 203 -6.87 3.80 -3.80
CA VAL A 203 -8.28 3.45 -3.89
C VAL A 203 -9.00 4.40 -4.84
N CYS A 204 -9.77 3.82 -5.74
CA CYS A 204 -10.53 4.58 -6.73
C CYS A 204 -11.96 4.10 -6.71
N SER A 205 -12.85 4.98 -7.17
CA SER A 205 -14.26 4.67 -7.33
C SER A 205 -14.53 4.16 -8.75
N LEU A 206 -15.03 2.95 -8.80
CA LEU A 206 -15.37 2.41 -10.06
C LEU A 206 -16.50 1.40 -9.85
N GLN A 207 -17.45 1.38 -10.75
CA GLN A 207 -18.78 1.01 -10.41
C GLN A 207 -19.24 2.06 -9.37
N GLY A 208 -19.83 1.64 -8.29
CA GLY A 208 -20.29 2.50 -7.26
C GLY A 208 -19.46 2.07 -6.11
N ARG A 209 -18.27 1.53 -6.43
CA ARG A 209 -17.55 0.76 -5.43
C ARG A 209 -16.14 1.28 -5.23
N MET A 210 -15.73 1.42 -3.97
CA MET A 210 -14.34 1.71 -3.67
C MET A 210 -13.55 0.45 -4.02
N THR A 211 -12.49 0.63 -4.80
CA THR A 211 -11.77 -0.49 -5.42
C THR A 211 -10.28 -0.34 -5.19
N LEU A 212 -9.60 -1.42 -4.79
CA LEU A 212 -8.12 -1.38 -4.65
C LEU A 212 -7.44 -1.38 -6.01
N THR A 213 -7.27 -0.20 -6.58
CA THR A 213 -6.76 -0.08 -7.93
C THR A 213 -5.25 -0.28 -7.92
N GLY A 214 -4.61 0.10 -6.82
CA GLY A 214 -3.16 0.17 -6.76
C GLY A 214 -2.59 -0.09 -5.39
N ILE A 215 -1.32 -0.47 -5.37
CA ILE A 215 -0.53 -0.69 -4.17
C ILE A 215 0.69 0.21 -4.30
N VAL A 216 0.93 1.05 -3.29
CA VAL A 216 2.07 1.99 -3.33
C VAL A 216 3.36 1.18 -3.51
N SER A 217 4.16 1.54 -4.51
CA SER A 217 5.38 0.77 -4.85
C SER A 217 6.71 1.56 -4.88
N TRP A 218 6.81 2.59 -5.72
CA TRP A 218 8.03 3.38 -5.85
C TRP A 218 7.83 4.75 -6.45
N GLY A 219 8.88 5.57 -6.37
CA GLY A 219 8.95 6.81 -7.08
C GLY A 219 10.33 7.44 -6.89
N ARG A 220 10.69 8.34 -7.79
CA ARG A 220 11.93 9.08 -7.65
C ARG A 220 11.61 10.33 -6.83
N GLY A 221 12.04 10.14 -5.64
CA GLY A 221 11.84 11.02 -4.51
C GLY A 221 10.35 11.07 -4.17
N CYS A 222 9.84 12.18 -3.66
CA CYS A 222 8.45 12.35 -3.34
C CYS A 222 7.92 13.78 -3.67
N ALA A 223 6.73 13.87 -4.25
CA ALA A 223 6.15 15.17 -4.60
C ALA A 223 7.18 16.02 -5.36
N LEU A 224 7.79 15.37 -6.34
CA LEU A 224 8.78 15.94 -7.17
C LEU A 224 8.29 16.09 -8.59
N LYS A 225 8.44 17.27 -9.20
CA LYS A 225 7.82 17.55 -10.51
C LYS A 225 8.34 16.54 -11.51
N ASP A 226 7.41 16.09 -12.36
CA ASP A 226 7.64 15.06 -13.38
C ASP A 226 8.11 13.67 -12.86
N LYS A 227 7.69 13.31 -11.66
CA LYS A 227 8.07 12.03 -11.10
C LYS A 227 6.91 11.57 -10.29
N PRO A 228 5.94 10.98 -10.95
CA PRO A 228 4.76 10.44 -10.29
C PRO A 228 5.00 9.35 -9.25
N GLY A 229 3.98 9.11 -8.45
CA GLY A 229 3.92 7.90 -7.66
C GLY A 229 3.63 6.76 -8.61
N VAL A 230 4.34 5.64 -8.40
CA VAL A 230 4.14 4.41 -9.17
C VAL A 230 3.56 3.32 -8.27
N TYR A 231 2.57 2.63 -8.81
CA TYR A 231 1.74 1.73 -8.03
C TYR A 231 1.62 0.41 -8.79
N THR A 232 1.51 -0.67 -8.04
CA THR A 232 1.30 -1.98 -8.65
C THR A 232 -0.16 -2.00 -9.14
N ARG A 233 -0.39 -2.50 -10.34
CA ARG A 233 -1.68 -2.40 -11.02
C ARG A 233 -2.43 -3.67 -10.67
N VAL A 234 -3.21 -3.59 -9.59
CA VAL A 234 -3.85 -4.73 -8.94
C VAL A 234 -4.67 -5.57 -9.95
N SER A 235 -5.36 -4.91 -10.88
CA SER A 235 -6.20 -5.58 -11.88
C SER A 235 -5.42 -6.39 -12.93
N HIS A 236 -4.09 -6.31 -12.90
CA HIS A 236 -3.21 -7.17 -13.70
C HIS A 236 -2.65 -8.35 -12.90
N PHE A 237 -3.09 -8.54 -11.64
CA PHE A 237 -2.58 -9.62 -10.75
C PHE A 237 -3.66 -10.50 -10.11
N LEU A 238 -4.88 -10.43 -10.62
CA LEU A 238 -5.99 -11.17 -9.99
C LEU A 238 -5.80 -12.72 -9.95
N PRO A 239 -5.22 -13.30 -11.01
CA PRO A 239 -4.96 -14.75 -10.94
C PRO A 239 -3.92 -15.12 -9.90
N TRP A 240 -2.86 -14.33 -9.81
CA TRP A 240 -1.86 -14.47 -8.75
C TRP A 240 -2.51 -14.34 -7.37
N ILE A 241 -3.34 -13.31 -7.20
CA ILE A 241 -4.00 -13.12 -5.91
C ILE A 241 -4.92 -14.30 -5.58
N ARG A 242 -5.78 -14.67 -6.53
CA ARG A 242 -6.73 -15.77 -6.30
C ARG A 242 -6.02 -17.09 -6.10
N SER A 243 -5.02 -17.35 -6.92
CA SER A 243 -4.29 -18.62 -6.79
C SER A 243 -3.73 -18.72 -5.38
N HIS A 244 -3.14 -17.64 -4.86
CA HIS A 244 -2.51 -17.70 -3.54
C HIS A 244 -3.46 -17.49 -2.35
N THR A 245 -4.75 -17.29 -2.62
CA THR A 245 -5.77 -17.07 -1.57
C THR A 245 -7.00 -17.98 -1.67
N LYS A 246 -6.88 -19.15 -2.31
CA LYS A 246 -8.04 -20.06 -2.41
C LYS A 246 -7.88 -21.24 -1.45
N1 EAU B . 9.34 4.58 -1.28
C2 EAU B . 10.43 5.37 -1.05
O2 EAU B . 12.22 8.15 -2.60
N3 EAU B . 7.25 4.14 -2.22
C4 EAU B . 8.32 6.22 -2.61
N5 EAU B . 7.59 7.85 -4.16
C6 EAU B . 7.24 6.75 -3.48
C7 EAU B . 12.74 5.47 0.05
C8 EAU B . 13.70 4.95 -1.01
C9 EAU B . 14.06 3.49 -0.71
C10 EAU B . 13.07 2.53 -1.35
O1 EAU B . 6.16 6.22 -3.57
C13 EAU B . 6.72 8.68 -4.74
N7 EAU B . 7.24 9.73 -5.40
N6 EAU B . 5.41 8.45 -4.65
C3 EAU B . 8.31 4.98 -2.03
N2 EAU B . 9.38 7.03 -2.43
C1 EAU B . 10.42 6.64 -1.66
C5 EAU B . 11.44 7.70 -1.58
C14 EAU B . 11.70 8.46 -0.45
C15 EAU B . 12.69 9.36 -0.77
C16 EAU B . 13.01 9.17 -2.10
N4 EAU B . 11.47 4.83 -0.25
C12 EAU B . 11.34 3.50 0.34
C11 EAU B . 11.70 2.41 -0.66
S SO4 C . 8.82 1.91 2.36
O1 SO4 C . 9.52 0.83 1.60
O2 SO4 C . 7.77 1.33 3.24
O3 SO4 C . 8.18 2.89 1.46
O4 SO4 C . 9.79 2.59 3.25
#